data_6ORC
#
_entry.id   6ORC
#
_cell.length_a   73.301
_cell.length_b   75.479
_cell.length_c   78.344
_cell.angle_alpha   90.000
_cell.angle_beta   90.000
_cell.angle_gamma   90.000
#
_symmetry.space_group_name_H-M   'P 21 21 21'
#
loop_
_entity.id
_entity.type
_entity.pdbx_description
1 polymer 'Sel1 repeat protein'
2 water water
#
_entity_poly.entity_id   1
_entity_poly.type   'polypeptide(L)'
_entity_poly.pdbx_seq_one_letter_code
;DVLRDL(MSE)DLKSNADSGDVSAQFELSRRYLNGDGLEQNDDEAIRWLR(MSE)AAEGGLPRAQAGLGW(MSE)YAAGR
GVNKDETLSFSWYERAAVAGFPVAQY(MSE)LGRYYEKGIGVAKDRVLAKEWYEKAAAQGNEKAKKRLQDW
;
_entity_poly.pdbx_strand_id   A,B
#
# COMPACT_ATOMS: atom_id res chain seq x y z
N LEU A 3 -16.94 19.92 -8.87
CA LEU A 3 -17.22 19.69 -10.29
C LEU A 3 -16.77 18.29 -10.72
N ARG A 4 -15.93 18.23 -11.76
CA ARG A 4 -15.42 16.97 -12.26
C ARG A 4 -14.42 16.30 -11.32
N ASP A 5 -14.07 16.94 -10.20
CA ASP A 5 -13.18 16.31 -9.23
C ASP A 5 -13.83 15.05 -8.66
N LEU A 6 -15.10 15.13 -8.29
CA LEU A 6 -15.82 13.97 -7.78
C LEU A 6 -16.29 13.05 -8.91
N MSE A 7 -16.46 13.58 -10.12
CA MSE A 7 -16.89 12.77 -11.25
C MSE A 7 -15.77 11.87 -11.74
O MSE A 7 -16.00 10.71 -12.07
CB MSE A 7 -17.41 13.66 -12.38
CG MSE A 7 -18.60 14.53 -12.00
SE MSE A 7 -19.39 15.44 -13.53
CE MSE A 7 -19.93 13.87 -14.56
N ASP A 8 -14.56 12.42 -11.79
CA ASP A 8 -13.40 11.61 -12.16
C ASP A 8 -13.08 10.58 -11.09
N LEU A 9 -13.25 10.95 -9.81
CA LEU A 9 -13.03 9.99 -8.74
C LEU A 9 -14.02 8.84 -8.80
N LYS A 10 -15.30 9.16 -9.01
CA LYS A 10 -16.31 8.12 -9.14
C LYS A 10 -16.11 7.30 -10.41
N SER A 11 -15.65 7.93 -11.49
CA SER A 11 -15.41 7.20 -12.73
C SER A 11 -14.19 6.29 -12.61
N ASN A 12 -13.16 6.74 -11.91
CA ASN A 12 -11.98 5.90 -11.72
C ASN A 12 -12.28 4.71 -10.82
N ALA A 13 -13.11 4.92 -9.79
CA ALA A 13 -13.48 3.81 -8.91
C ALA A 13 -14.26 2.74 -9.65
N ASP A 14 -15.11 3.16 -10.59
CA ASP A 14 -15.87 2.19 -11.38
C ASP A 14 -14.98 1.42 -12.35
N SER A 15 -13.91 2.05 -12.84
CA SER A 15 -13.02 1.39 -13.77
C SER A 15 -12.13 0.35 -13.10
N GLY A 16 -11.94 0.44 -11.78
CA GLY A 16 -11.15 -0.54 -11.06
C GLY A 16 -9.98 0.03 -10.31
N ASP A 17 -9.96 1.35 -10.13
CA ASP A 17 -8.90 2.01 -9.38
C ASP A 17 -9.13 1.76 -7.89
N VAL A 18 -8.30 0.92 -7.29
CA VAL A 18 -8.48 0.57 -5.88
C VAL A 18 -8.21 1.77 -4.98
N SER A 19 -7.35 2.70 -5.43
CA SER A 19 -7.13 3.91 -4.64
C SER A 19 -8.34 4.83 -4.69
N ALA A 20 -8.98 4.92 -5.86
CA ALA A 20 -10.19 5.72 -5.98
C ALA A 20 -11.35 5.10 -5.20
N GLN A 21 -11.43 3.76 -5.18
CA GLN A 21 -12.47 3.09 -4.42
C GLN A 21 -12.32 3.34 -2.93
N PHE A 22 -11.08 3.35 -2.43
CA PHE A 22 -10.85 3.60 -1.02
C PHE A 22 -11.14 5.06 -0.66
N GLU A 23 -10.66 5.99 -1.49
CA GLU A 23 -10.96 7.41 -1.24
C GLU A 23 -12.46 7.68 -1.32
N LEU A 24 -13.14 7.05 -2.28
CA LEU A 24 -14.59 7.19 -2.36
C LEU A 24 -15.28 6.55 -1.17
N SER A 25 -14.70 5.48 -0.63
CA SER A 25 -15.25 4.87 0.58
C SER A 25 -15.13 5.81 1.77
N ARG A 26 -14.02 6.54 1.87
CA ARG A 26 -13.84 7.47 2.98
C ARG A 26 -14.81 8.65 2.88
N ARG A 27 -15.09 9.11 1.66
CA ARG A 27 -16.01 10.23 1.49
C ARG A 27 -17.43 9.84 1.86
N TYR A 28 -17.86 8.63 1.52
CA TYR A 28 -19.18 8.16 1.93
C TYR A 28 -19.27 8.00 3.44
N LEU A 29 -18.18 7.59 4.08
CA LEU A 29 -18.21 7.34 5.52
C LEU A 29 -18.21 8.63 6.33
N ASN A 30 -17.43 9.62 5.91
CA ASN A 30 -17.31 10.88 6.64
C ASN A 30 -18.25 11.96 6.12
N GLY A 31 -19.00 11.69 5.05
CA GLY A 31 -19.84 12.71 4.48
C GLY A 31 -19.10 13.87 3.86
N ASP A 32 -17.83 13.66 3.50
CA ASP A 32 -17.00 14.71 2.93
C ASP A 32 -17.21 14.74 1.42
N GLY A 33 -17.94 15.74 0.93
CA GLY A 33 -18.24 15.87 -0.47
C GLY A 33 -19.47 15.12 -0.93
N LEU A 34 -19.86 14.06 -0.23
CA LEU A 34 -21.05 13.28 -0.54
C LEU A 34 -21.90 13.13 0.70
N GLU A 35 -23.12 12.63 0.52
CA GLU A 35 -24.00 12.37 1.65
C GLU A 35 -23.47 11.18 2.44
N GLN A 36 -23.54 11.29 3.77
CA GLN A 36 -23.04 10.23 4.65
C GLN A 36 -23.84 8.95 4.45
N ASN A 37 -23.23 7.97 3.77
CA ASN A 37 -23.88 6.70 3.46
C ASN A 37 -22.98 5.57 3.95
N ASP A 38 -23.43 4.85 4.98
CA ASP A 38 -22.64 3.76 5.54
C ASP A 38 -22.66 2.53 4.62
N ASP A 39 -23.78 2.25 3.98
CA ASP A 39 -23.87 1.09 3.11
C ASP A 39 -22.96 1.23 1.91
N GLU A 40 -22.81 2.46 1.39
CA GLU A 40 -21.92 2.69 0.27
C GLU A 40 -20.46 2.76 0.69
N ALA A 41 -20.18 3.20 1.92
CA ALA A 41 -18.81 3.27 2.39
C ALA A 41 -18.20 1.89 2.54
N ILE A 42 -18.96 0.95 3.11
CA ILE A 42 -18.45 -0.42 3.28
C ILE A 42 -18.40 -1.13 1.94
N ARG A 43 -19.28 -0.77 1.01
CA ARG A 43 -19.29 -1.41 -0.31
C ARG A 43 -18.01 -1.11 -1.07
N TRP A 44 -17.56 0.14 -1.06
CA TRP A 44 -16.33 0.49 -1.75
C TRP A 44 -15.10 -0.01 -0.99
N LEU A 45 -15.18 -0.11 0.33
CA LEU A 45 -14.07 -0.66 1.09
C LEU A 45 -13.90 -2.15 0.82
N ARG A 46 -15.02 -2.87 0.69
CA ARG A 46 -14.96 -4.27 0.29
C ARG A 46 -14.31 -4.40 -1.09
N MSE A 47 -14.71 -3.56 -2.02
CA MSE A 47 -14.24 -3.61 -3.40
C MSE A 47 -12.76 -3.25 -3.51
O MSE A 47 -12.04 -3.78 -4.34
CB MSE A 47 -15.09 -2.69 -4.29
CG MSE A 47 -15.36 -3.22 -5.68
SE MSE A 47 -16.93 -2.38 -6.46
CE MSE A 47 -18.27 -2.94 -5.15
N ALA A 48 -12.32 -2.32 -2.65
CA ALA A 48 -10.92 -1.94 -2.65
C ALA A 48 -10.05 -2.96 -1.94
N ALA A 49 -10.57 -3.54 -0.85
CA ALA A 49 -9.82 -4.57 -0.13
C ALA A 49 -9.67 -5.83 -0.99
N GLU A 50 -10.78 -6.37 -1.47
CA GLU A 50 -10.72 -7.51 -2.38
C GLU A 50 -10.08 -7.14 -3.71
N GLY A 51 -10.03 -5.85 -4.05
CA GLY A 51 -9.32 -5.42 -5.24
C GLY A 51 -7.81 -5.50 -5.12
N GLY A 52 -7.29 -5.52 -3.90
CA GLY A 52 -5.87 -5.71 -3.69
C GLY A 52 -5.16 -4.57 -2.99
N LEU A 53 -5.91 -3.60 -2.49
CA LEU A 53 -5.30 -2.46 -1.80
C LEU A 53 -4.97 -2.84 -0.38
N PRO A 54 -3.69 -2.79 0.03
CA PRO A 54 -3.35 -3.17 1.41
C PRO A 54 -3.96 -2.25 2.46
N ARG A 55 -4.00 -0.95 2.20
CA ARG A 55 -4.59 -0.03 3.17
C ARG A 55 -6.07 -0.28 3.36
N ALA A 56 -6.76 -0.74 2.31
CA ALA A 56 -8.16 -1.11 2.45
C ALA A 56 -8.33 -2.45 3.15
N GLN A 57 -7.40 -3.38 2.94
CA GLN A 57 -7.47 -4.66 3.64
C GLN A 57 -7.21 -4.49 5.14
N ALA A 58 -6.31 -3.57 5.49
CA ALA A 58 -6.03 -3.32 6.90
C ALA A 58 -7.20 -2.63 7.58
N GLY A 59 -7.82 -1.66 6.91
CA GLY A 59 -8.98 -0.99 7.48
C GLY A 59 -10.17 -1.92 7.61
N LEU A 60 -10.37 -2.79 6.62
CA LEU A 60 -11.45 -3.77 6.71
C LEU A 60 -11.19 -4.78 7.81
N GLY A 61 -9.91 -5.10 8.07
CA GLY A 61 -9.59 -6.01 9.16
C GLY A 61 -9.80 -5.39 10.53
N TRP A 62 -9.66 -4.07 10.63
CA TRP A 62 -9.92 -3.39 11.89
C TRP A 62 -11.40 -3.40 12.25
N MSE A 63 -12.27 -3.34 11.25
CA MSE A 63 -13.71 -3.33 11.47
C MSE A 63 -14.18 -4.66 12.07
O MSE A 63 -15.11 -4.68 12.88
CB MSE A 63 -14.45 -3.05 10.16
CG MSE A 63 -14.29 -1.62 9.67
SE MSE A 63 -15.36 -1.23 8.10
CE MSE A 63 -15.08 0.70 8.02
N TYR A 64 -13.53 -5.76 11.67
CA TYR A 64 -13.81 -7.04 12.29
C TYR A 64 -13.20 -7.15 13.69
N ALA A 65 -12.17 -6.36 13.99
CA ALA A 65 -11.55 -6.40 15.31
C ALA A 65 -12.30 -5.55 16.32
N ALA A 66 -12.93 -4.46 15.87
CA ALA A 66 -13.66 -3.56 16.77
C ALA A 66 -15.17 -3.72 16.68
N GLY A 67 -15.67 -4.56 15.78
CA GLY A 67 -17.11 -4.69 15.62
C GLY A 67 -17.76 -3.47 15.01
N ARG A 68 -17.10 -2.83 14.05
CA ARG A 68 -17.59 -1.63 13.41
C ARG A 68 -18.15 -1.99 12.03
N GLY A 69 -19.45 -1.76 11.84
CA GLY A 69 -20.09 -2.06 10.57
C GLY A 69 -20.40 -3.53 10.40
N VAL A 70 -19.60 -4.40 11.02
CA VAL A 70 -19.79 -5.84 10.97
C VAL A 70 -19.65 -6.39 12.38
N ASN A 71 -20.09 -7.63 12.56
CA ASN A 71 -19.96 -8.29 13.85
C ASN A 71 -18.50 -8.61 14.14
N LYS A 72 -18.12 -8.49 15.41
CA LYS A 72 -16.73 -8.72 15.81
C LYS A 72 -16.33 -10.18 15.58
N ASP A 73 -15.43 -10.40 14.63
CA ASP A 73 -14.91 -11.73 14.32
C ASP A 73 -13.39 -11.67 14.33
N GLU A 74 -12.77 -12.28 15.34
CA GLU A 74 -11.32 -12.27 15.45
C GLU A 74 -10.66 -13.09 14.34
N THR A 75 -11.36 -14.06 13.76
CA THR A 75 -10.79 -14.86 12.68
C THR A 75 -10.74 -14.07 11.39
N LEU A 76 -11.85 -13.43 11.01
CA LEU A 76 -11.87 -12.62 9.80
C LEU A 76 -10.98 -11.38 9.93
N SER A 77 -10.81 -10.86 11.14
CA SER A 77 -9.89 -9.74 11.34
C SER A 77 -8.45 -10.17 11.14
N PHE A 78 -8.10 -11.40 11.56
CA PHE A 78 -6.75 -11.89 11.35
C PHE A 78 -6.46 -12.15 9.89
N SER A 79 -7.44 -12.69 9.15
CA SER A 79 -7.21 -13.02 7.74
C SER A 79 -7.07 -11.76 6.90
N TRP A 80 -7.83 -10.70 7.21
CA TRP A 80 -7.71 -9.47 6.45
C TRP A 80 -6.42 -8.74 6.79
N TYR A 81 -6.04 -8.71 8.08
CA TYR A 81 -4.75 -8.13 8.45
C TYR A 81 -3.59 -8.94 7.88
N GLU A 82 -3.78 -10.25 7.72
CA GLU A 82 -2.72 -11.08 7.16
C GLU A 82 -2.44 -10.74 5.70
N ARG A 83 -3.50 -10.54 4.91
CA ARG A 83 -3.33 -10.20 3.50
C ARG A 83 -2.60 -8.87 3.35
N ALA A 84 -2.96 -7.88 4.16
CA ALA A 84 -2.29 -6.59 4.09
C ALA A 84 -0.87 -6.66 4.64
N ALA A 85 -0.61 -7.59 5.57
CA ALA A 85 0.73 -7.75 6.11
C ALA A 85 1.65 -8.44 5.12
N VAL A 86 1.14 -9.47 4.42
CA VAL A 86 1.94 -10.13 3.39
C VAL A 86 2.26 -9.15 2.27
N ALA A 87 1.33 -8.24 1.96
CA ALA A 87 1.58 -7.26 0.91
C ALA A 87 2.71 -6.32 1.30
N GLY A 88 2.77 -5.92 2.57
CA GLY A 88 3.85 -5.07 3.05
C GLY A 88 3.38 -3.84 3.78
N PHE A 89 2.12 -3.83 4.20
CA PHE A 89 1.59 -2.69 4.95
C PHE A 89 2.19 -2.68 6.34
N PRO A 90 2.84 -1.60 6.77
CA PRO A 90 3.53 -1.63 8.07
C PRO A 90 2.60 -1.74 9.26
N VAL A 91 1.46 -1.04 9.22
CA VAL A 91 0.53 -1.11 10.35
C VAL A 91 -0.10 -2.50 10.45
N ALA A 92 -0.33 -3.16 9.31
CA ALA A 92 -0.91 -4.50 9.34
C ALA A 92 0.11 -5.53 9.82
N GLN A 93 1.40 -5.34 9.51
CA GLN A 93 2.42 -6.26 9.99
C GLN A 93 2.58 -6.17 11.51
N TYR A 94 2.40 -4.98 12.08
CA TYR A 94 2.44 -4.86 13.54
C TYR A 94 1.22 -5.51 14.18
N MSE A 95 0.04 -5.29 13.62
CA MSE A 95 -1.19 -5.88 14.14
C MSE A 95 -1.18 -7.40 14.03
O MSE A 95 -1.81 -8.09 14.83
CB MSE A 95 -2.41 -5.31 13.41
CG MSE A 95 -2.97 -4.04 14.01
SE MSE A 95 -3.89 -4.35 15.69
CE MSE A 95 -4.53 -2.55 16.04
N LEU A 96 -0.45 -7.93 13.04
CA LEU A 96 -0.41 -9.37 12.85
C LEU A 96 0.50 -10.05 13.87
N GLY A 97 1.66 -9.46 14.16
CA GLY A 97 2.52 -10.00 15.20
C GLY A 97 1.87 -9.96 16.56
N ARG A 98 1.01 -8.95 16.80
CA ARG A 98 0.25 -8.91 18.05
C ARG A 98 -0.74 -10.06 18.12
N TYR A 99 -1.34 -10.42 16.98
CA TYR A 99 -2.30 -11.52 16.97
C TYR A 99 -1.62 -12.86 17.19
N TYR A 100 -0.35 -13.00 16.78
CA TYR A 100 0.32 -14.29 16.86
C TYR A 100 0.72 -14.62 18.29
N GLU A 101 1.14 -13.62 19.07
CA GLU A 101 1.57 -13.88 20.44
C GLU A 101 0.38 -14.02 21.39
N LYS A 102 -0.74 -13.39 21.08
CA LYS A 102 -1.92 -13.45 21.95
C LYS A 102 -2.85 -14.59 21.60
N GLY A 103 -2.74 -15.18 20.41
CA GLY A 103 -3.62 -16.26 20.02
C GLY A 103 -5.03 -15.82 19.68
N ILE A 104 -5.21 -14.58 19.24
CA ILE A 104 -6.51 -14.05 18.88
C ILE A 104 -6.66 -14.18 17.37
N GLY A 105 -7.62 -14.99 16.93
CA GLY A 105 -7.83 -15.26 15.52
C GLY A 105 -6.90 -16.30 14.93
N VAL A 106 -5.92 -16.79 15.68
CA VAL A 106 -4.97 -17.78 15.19
C VAL A 106 -4.35 -18.48 16.39
N ALA A 107 -3.62 -19.56 16.16
CA ALA A 107 -2.92 -20.24 17.24
C ALA A 107 -1.80 -19.37 17.76
N LYS A 108 -1.65 -19.35 19.09
CA LYS A 108 -0.61 -18.54 19.72
C LYS A 108 0.77 -19.04 19.31
N ASP A 109 1.65 -18.10 18.99
CA ASP A 109 3.00 -18.46 18.54
C ASP A 109 3.94 -17.30 18.81
N ARG A 110 5.14 -17.61 19.28
CA ARG A 110 6.18 -16.62 19.49
C ARG A 110 7.19 -16.55 18.34
N VAL A 111 7.42 -17.66 17.66
CA VAL A 111 8.38 -17.67 16.56
C VAL A 111 7.87 -16.84 15.39
N LEU A 112 6.56 -16.93 15.11
CA LEU A 112 5.99 -16.17 14.00
C LEU A 112 5.68 -14.74 14.38
N ALA A 113 5.45 -14.47 15.67
CA ALA A 113 5.16 -13.11 16.11
C ALA A 113 6.38 -12.21 15.97
N LYS A 114 7.57 -12.76 16.23
CA LYS A 114 8.79 -11.96 16.11
C LYS A 114 9.09 -11.62 14.66
N GLU A 115 8.71 -12.48 13.73
CA GLU A 115 8.98 -12.21 12.31
C GLU A 115 8.24 -10.96 11.84
N TRP A 116 6.93 -10.89 12.10
CA TRP A 116 6.16 -9.71 11.71
C TRP A 116 6.59 -8.48 12.49
N TYR A 117 7.05 -8.67 13.74
CA TYR A 117 7.69 -7.56 14.45
C TYR A 117 9.00 -7.17 13.78
N GLU A 118 9.72 -8.15 13.24
CA GLU A 118 10.98 -7.87 12.56
C GLU A 118 10.75 -7.21 11.20
N LYS A 119 9.62 -7.52 10.55
CA LYS A 119 9.32 -6.94 9.25
C LYS A 119 8.74 -5.53 9.38
N ALA A 120 7.84 -5.33 10.36
CA ALA A 120 7.23 -4.02 10.53
C ALA A 120 8.23 -3.00 11.03
N ALA A 121 9.11 -3.40 11.96
CA ALA A 121 10.16 -2.51 12.44
C ALA A 121 11.20 -2.23 11.36
N ALA A 122 11.36 -3.14 10.40
CA ALA A 122 12.31 -2.89 9.31
C ALA A 122 11.81 -1.79 8.39
N GLN A 123 10.50 -1.60 8.29
CA GLN A 123 9.93 -0.55 7.47
C GLN A 123 9.76 0.77 8.23
N GLY A 124 10.15 0.81 9.49
CA GLY A 124 10.13 2.04 10.26
C GLY A 124 8.95 2.21 11.20
N ASN A 125 8.17 1.16 11.44
CA ASN A 125 7.03 1.28 12.34
C ASN A 125 7.51 1.54 13.76
N GLU A 126 7.00 2.60 14.39
CA GLU A 126 7.49 3.01 15.70
C GLU A 126 7.01 2.08 16.80
N LYS A 127 5.75 1.64 16.74
CA LYS A 127 5.23 0.74 17.75
C LYS A 127 5.69 -0.69 17.57
N ALA A 128 6.34 -1.03 16.45
CA ALA A 128 6.80 -2.39 16.23
C ALA A 128 8.16 -2.66 16.85
N LYS A 129 8.92 -1.62 17.18
CA LYS A 129 10.24 -1.79 17.78
C LYS A 129 10.23 -1.61 19.29
N LYS A 130 9.13 -1.13 19.87
CA LYS A 130 9.04 -1.07 21.33
C LYS A 130 8.90 -2.47 21.92
N ARG A 131 8.02 -3.29 21.36
CA ARG A 131 7.90 -4.68 21.79
C ARG A 131 9.10 -5.51 21.35
N LEU A 132 9.72 -5.14 20.23
CA LEU A 132 10.82 -5.93 19.69
C LEU A 132 12.04 -5.93 20.62
N GLN A 133 12.25 -4.85 21.37
CA GLN A 133 13.34 -4.79 22.33
C GLN A 133 12.93 -5.19 23.74
N ASP A 134 11.67 -5.00 24.10
CA ASP A 134 11.11 -5.53 25.34
C ASP A 134 10.64 -6.97 25.15
N TRP A 135 11.54 -7.79 24.61
CA TRP A 135 11.18 -9.12 24.12
C TRP A 135 12.07 -10.20 24.73
N ASP B 1 0.37 -28.58 -6.48
CA ASP B 1 0.83 -27.85 -5.30
C ASP B 1 1.58 -26.59 -5.69
N VAL B 2 2.63 -26.75 -6.49
CA VAL B 2 3.41 -25.59 -6.93
C VAL B 2 2.76 -24.96 -8.17
N LEU B 3 2.23 -25.78 -9.08
CA LEU B 3 1.56 -25.25 -10.25
C LEU B 3 0.30 -24.48 -9.87
N ARG B 4 -0.49 -25.04 -8.96
CA ARG B 4 -1.73 -24.38 -8.55
C ARG B 4 -1.46 -23.07 -7.81
N ASP B 5 -0.32 -22.98 -7.11
CA ASP B 5 0.01 -21.75 -6.40
C ASP B 5 0.32 -20.62 -7.38
N LEU B 6 1.05 -20.91 -8.46
CA LEU B 6 1.36 -19.89 -9.45
C LEU B 6 0.18 -19.65 -10.40
N MSE B 7 -0.63 -20.66 -10.66
CA MSE B 7 -1.81 -20.50 -11.51
C MSE B 7 -2.84 -19.62 -10.80
O MSE B 7 -3.52 -18.82 -11.45
CB MSE B 7 -2.42 -21.85 -11.87
CG MSE B 7 -1.61 -22.64 -12.90
SE MSE B 7 -2.39 -24.37 -13.34
CE MSE B 7 -4.03 -23.74 -14.19
N ASP B 8 -2.95 -19.78 -9.48
CA ASP B 8 -3.81 -18.89 -8.71
C ASP B 8 -3.29 -17.45 -8.72
N LEU B 9 -1.96 -17.29 -8.73
CA LEU B 9 -1.40 -15.94 -8.80
C LEU B 9 -1.72 -15.28 -10.13
N LYS B 10 -1.60 -16.03 -11.24
CA LYS B 10 -1.95 -15.46 -12.54
C LYS B 10 -3.45 -15.29 -12.69
N SER B 11 -4.24 -16.21 -12.14
CA SER B 11 -5.70 -16.09 -12.23
C SER B 11 -6.19 -14.88 -11.45
N ASN B 12 -5.59 -14.60 -10.30
CA ASN B 12 -5.96 -13.40 -9.55
C ASN B 12 -5.39 -12.14 -10.19
N ALA B 13 -4.21 -12.24 -10.81
CA ALA B 13 -3.65 -11.08 -11.50
C ALA B 13 -4.47 -10.73 -12.74
N ASP B 14 -4.87 -11.73 -13.51
CA ASP B 14 -5.73 -11.48 -14.67
C ASP B 14 -7.12 -11.01 -14.26
N SER B 15 -7.53 -11.27 -13.03
CA SER B 15 -8.84 -10.81 -12.57
C SER B 15 -8.85 -9.30 -12.36
N GLY B 16 -7.90 -8.80 -11.57
CA GLY B 16 -7.82 -7.38 -11.28
C GLY B 16 -7.15 -7.09 -9.96
N ASP B 17 -6.62 -8.14 -9.32
CA ASP B 17 -5.94 -7.99 -8.04
C ASP B 17 -4.61 -7.26 -8.25
N VAL B 18 -4.54 -6.02 -7.80
CA VAL B 18 -3.31 -5.23 -7.99
C VAL B 18 -2.17 -5.80 -7.17
N SER B 19 -2.47 -6.50 -6.08
CA SER B 19 -1.41 -7.15 -5.31
C SER B 19 -0.86 -8.36 -6.05
N ALA B 20 -1.74 -9.17 -6.65
CA ALA B 20 -1.29 -10.29 -7.45
C ALA B 20 -0.55 -9.83 -8.70
N GLN B 21 -0.97 -8.70 -9.27
CA GLN B 21 -0.26 -8.13 -10.42
C GLN B 21 1.15 -7.69 -10.02
N PHE B 22 1.28 -7.08 -8.84
CA PHE B 22 2.60 -6.63 -8.39
C PHE B 22 3.47 -7.81 -7.97
N GLU B 23 2.88 -8.78 -7.27
CA GLU B 23 3.64 -9.97 -6.89
C GLU B 23 4.12 -10.72 -8.12
N LEU B 24 3.27 -10.82 -9.15
CA LEU B 24 3.71 -11.42 -10.40
C LEU B 24 4.72 -10.55 -11.13
N SER B 25 4.75 -9.25 -10.84
CA SER B 25 5.70 -8.36 -11.49
C SER B 25 7.11 -8.59 -10.96
N ARG B 26 7.27 -8.67 -9.64
CA ARG B 26 8.58 -8.88 -9.06
C ARG B 26 9.12 -10.29 -9.34
N ARG B 27 8.25 -11.26 -9.60
CA ARG B 27 8.72 -12.59 -9.95
C ARG B 27 9.34 -12.62 -11.34
N TYR B 28 8.74 -11.91 -12.29
CA TYR B 28 9.33 -11.80 -13.62
C TYR B 28 10.64 -10.99 -13.58
N LEU B 29 10.75 -10.06 -12.64
CA LEU B 29 11.93 -9.20 -12.57
C LEU B 29 13.09 -9.92 -11.89
N ASN B 30 12.85 -10.46 -10.69
CA ASN B 30 13.89 -11.14 -9.93
C ASN B 30 14.09 -12.59 -10.34
N GLY B 31 13.32 -13.09 -11.31
CA GLY B 31 13.41 -14.49 -11.66
C GLY B 31 12.93 -15.44 -10.58
N ASP B 32 12.21 -14.93 -9.58
CA ASP B 32 11.75 -15.72 -8.44
C ASP B 32 10.61 -16.61 -8.89
N GLY B 33 10.89 -17.91 -9.08
CA GLY B 33 9.88 -18.87 -9.48
C GLY B 33 9.51 -18.83 -10.95
N LEU B 34 10.00 -17.85 -11.71
CA LEU B 34 9.69 -17.74 -13.13
C LEU B 34 10.95 -17.34 -13.87
N GLU B 35 10.96 -17.59 -15.17
CA GLU B 35 12.07 -17.16 -16.00
C GLU B 35 12.12 -15.64 -16.09
N GLN B 36 13.33 -15.09 -15.98
CA GLN B 36 13.50 -13.65 -15.93
C GLN B 36 13.02 -13.01 -17.23
N ASN B 37 12.04 -12.11 -17.12
CA ASN B 37 11.47 -11.43 -18.27
C ASN B 37 11.20 -9.99 -17.88
N ASP B 38 12.04 -9.07 -18.38
CA ASP B 38 11.88 -7.67 -18.04
C ASP B 38 10.65 -7.06 -18.71
N ASP B 39 10.29 -7.54 -19.90
CA ASP B 39 9.13 -7.00 -20.59
C ASP B 39 7.84 -7.35 -19.86
N GLU B 40 7.75 -8.56 -19.31
CA GLU B 40 6.57 -8.95 -18.54
C GLU B 40 6.59 -8.36 -17.14
N ALA B 41 7.77 -8.06 -16.60
CA ALA B 41 7.85 -7.45 -15.27
C ALA B 41 7.31 -6.02 -15.29
N ILE B 42 7.70 -5.23 -16.29
CA ILE B 42 7.20 -3.87 -16.39
C ILE B 42 5.74 -3.85 -16.81
N ARG B 43 5.31 -4.88 -17.55
CA ARG B 43 3.91 -4.94 -17.97
C ARG B 43 2.97 -5.10 -16.78
N TRP B 44 3.28 -6.06 -15.90
CA TRP B 44 2.45 -6.26 -14.72
C TRP B 44 2.64 -5.14 -13.71
N LEU B 45 3.84 -4.56 -13.64
CA LEU B 45 4.05 -3.43 -12.74
C LEU B 45 3.22 -2.23 -13.15
N ARG B 46 3.24 -1.90 -14.44
CA ARG B 46 2.45 -0.77 -14.93
C ARG B 46 0.96 -1.02 -14.78
N MSE B 47 0.53 -2.27 -14.93
CA MSE B 47 -0.87 -2.63 -14.81
C MSE B 47 -1.34 -2.50 -13.36
O MSE B 47 -2.47 -2.10 -13.09
CB MSE B 47 -1.11 -4.05 -15.33
CG MSE B 47 -2.55 -4.35 -15.68
SE MSE B 47 -2.69 -6.01 -16.68
CE MSE B 47 -1.43 -5.62 -18.12
N ALA B 48 -0.46 -2.85 -12.43
CA ALA B 48 -0.77 -2.67 -11.01
C ALA B 48 -0.71 -1.21 -10.60
N ALA B 49 0.18 -0.42 -11.23
CA ALA B 49 0.24 1.00 -10.94
C ALA B 49 -1.00 1.72 -11.47
N GLU B 50 -1.42 1.37 -12.69
CA GLU B 50 -2.65 1.94 -13.23
C GLU B 50 -3.87 1.47 -12.43
N GLY B 51 -3.79 0.29 -11.82
CA GLY B 51 -4.87 -0.23 -11.01
C GLY B 51 -5.06 0.47 -9.68
N GLY B 52 -4.11 1.31 -9.28
CA GLY B 52 -4.23 2.06 -8.05
C GLY B 52 -3.40 1.58 -6.89
N LEU B 53 -2.41 0.72 -7.13
CA LEU B 53 -1.57 0.22 -6.04
C LEU B 53 -0.45 1.21 -5.77
N PRO B 54 -0.36 1.78 -4.57
CA PRO B 54 0.68 2.79 -4.31
C PRO B 54 2.10 2.24 -4.43
N ARG B 55 2.34 1.02 -3.94
CA ARG B 55 3.68 0.45 -4.02
C ARG B 55 4.10 0.24 -5.47
N ALA B 56 3.16 -0.14 -6.33
CA ALA B 56 3.46 -0.26 -7.75
C ALA B 56 3.67 1.11 -8.38
N GLN B 57 2.88 2.10 -7.95
CA GLN B 57 3.07 3.47 -8.43
C GLN B 57 4.41 4.03 -7.97
N ALA B 58 4.82 3.71 -6.74
CA ALA B 58 6.12 4.17 -6.25
C ALA B 58 7.25 3.45 -6.95
N GLY B 59 7.10 2.14 -7.19
CA GLY B 59 8.14 1.41 -7.92
C GLY B 59 8.25 1.85 -9.36
N LEU B 60 7.10 2.13 -10.00
CA LEU B 60 7.13 2.63 -11.37
C LEU B 60 7.76 4.02 -11.46
N GLY B 61 7.61 4.82 -10.41
CA GLY B 61 8.23 6.13 -10.41
C GLY B 61 9.72 6.08 -10.19
N TRP B 62 10.21 5.05 -9.50
CA TRP B 62 11.65 4.91 -9.30
C TRP B 62 12.37 4.56 -10.59
N MSE B 63 11.71 3.83 -11.49
CA MSE B 63 12.30 3.43 -12.76
C MSE B 63 12.45 4.63 -13.69
O MSE B 63 13.38 4.71 -14.48
CB MSE B 63 11.49 2.32 -13.42
CG MSE B 63 11.47 1.03 -12.64
SE MSE B 63 10.72 -0.47 -13.61
CE MSE B 63 11.15 -1.90 -12.35
N TYR B 64 11.50 5.57 -13.60
CA TYR B 64 11.63 6.81 -14.35
C TYR B 64 12.69 7.74 -13.76
N ALA B 65 13.00 7.58 -12.47
CA ALA B 65 14.04 8.36 -11.80
C ALA B 65 15.43 7.76 -12.02
N ALA B 66 15.56 6.45 -11.87
CA ALA B 66 16.86 5.83 -12.05
C ALA B 66 17.17 5.50 -13.51
N GLY B 67 16.14 5.28 -14.31
CA GLY B 67 16.34 5.02 -15.73
C GLY B 67 16.57 3.56 -16.05
N ARG B 68 15.75 2.68 -15.49
CA ARG B 68 15.77 1.26 -15.83
C ARG B 68 14.42 0.85 -16.41
N GLY B 69 14.46 0.12 -17.52
CA GLY B 69 13.23 -0.30 -18.18
C GLY B 69 12.68 0.77 -19.08
N VAL B 70 12.81 2.03 -18.66
CA VAL B 70 12.38 3.18 -19.44
C VAL B 70 13.46 4.24 -19.34
N ASN B 71 13.48 5.15 -20.33
CA ASN B 71 14.42 6.25 -20.30
C ASN B 71 14.12 7.17 -19.12
N LYS B 72 15.16 7.79 -18.58
CA LYS B 72 15.01 8.65 -17.41
C LYS B 72 14.13 9.85 -17.75
N ASP B 73 13.00 9.96 -17.06
CA ASP B 73 12.07 11.07 -17.23
C ASP B 73 11.76 11.62 -15.85
N GLU B 74 12.32 12.79 -15.54
CA GLU B 74 12.09 13.40 -14.23
C GLU B 74 10.65 13.84 -14.05
N THR B 75 9.96 14.19 -15.14
CA THR B 75 8.57 14.61 -15.04
C THR B 75 7.66 13.43 -14.77
N LEU B 76 7.83 12.33 -15.52
CA LEU B 76 7.01 11.14 -15.28
C LEU B 76 7.33 10.49 -13.94
N SER B 77 8.56 10.65 -13.44
CA SER B 77 8.91 10.10 -12.14
C SER B 77 8.19 10.83 -11.01
N PHE B 78 7.95 12.13 -11.17
CA PHE B 78 7.24 12.89 -10.14
C PHE B 78 5.77 12.49 -10.08
N SER B 79 5.11 12.38 -11.24
CA SER B 79 3.68 12.09 -11.26
C SER B 79 3.38 10.74 -10.66
N TRP B 80 4.25 9.75 -10.90
CA TRP B 80 4.03 8.42 -10.31
C TRP B 80 4.34 8.42 -8.81
N TYR B 81 5.39 9.14 -8.40
CA TYR B 81 5.67 9.27 -6.98
C TYR B 81 4.62 10.10 -6.28
N GLU B 82 4.00 11.05 -7.00
CA GLU B 82 2.97 11.88 -6.39
C GLU B 82 1.71 11.07 -6.10
N ARG B 83 1.25 10.28 -7.07
CA ARG B 83 0.05 9.47 -6.87
C ARG B 83 0.25 8.49 -5.71
N ALA B 84 1.44 7.93 -5.57
CA ALA B 84 1.70 7.02 -4.46
C ALA B 84 1.81 7.76 -3.13
N ALA B 85 2.35 8.98 -3.15
CA ALA B 85 2.48 9.74 -1.91
C ALA B 85 1.14 10.26 -1.42
N VAL B 86 0.20 10.53 -2.33
CA VAL B 86 -1.12 10.97 -1.92
C VAL B 86 -1.85 9.85 -1.19
N ALA B 87 -1.71 8.62 -1.68
CA ALA B 87 -2.34 7.46 -1.05
C ALA B 87 -1.76 7.13 0.32
N GLY B 88 -0.60 7.68 0.66
CA GLY B 88 0.01 7.46 1.95
C GLY B 88 1.20 6.53 1.97
N PHE B 89 1.89 6.35 0.85
CA PHE B 89 3.08 5.49 0.83
C PHE B 89 4.24 6.21 1.51
N PRO B 90 4.86 5.62 2.54
CA PRO B 90 5.91 6.35 3.27
C PRO B 90 7.13 6.67 2.41
N VAL B 91 7.61 5.70 1.63
CA VAL B 91 8.79 5.94 0.80
C VAL B 91 8.50 6.94 -0.30
N ALA B 92 7.26 6.96 -0.81
CA ALA B 92 6.90 7.89 -1.87
C ALA B 92 6.81 9.32 -1.33
N GLN B 93 6.34 9.48 -0.10
CA GLN B 93 6.26 10.82 0.49
C GLN B 93 7.64 11.40 0.73
N TYR B 94 8.61 10.54 1.10
CA TYR B 94 9.98 11.01 1.27
C TYR B 94 10.61 11.41 -0.06
N MSE B 95 10.37 10.61 -1.10
CA MSE B 95 10.91 10.90 -2.43
C MSE B 95 10.25 12.14 -3.03
O MSE B 95 10.86 12.83 -3.85
CB MSE B 95 10.71 9.71 -3.35
CG MSE B 95 11.71 8.58 -3.14
SE MSE B 95 13.53 9.11 -3.60
CE MSE B 95 13.26 9.56 -5.47
N LEU B 96 9.02 12.43 -2.61
CA LEU B 96 8.32 13.60 -3.14
C LEU B 96 8.83 14.88 -2.50
N GLY B 97 9.10 14.86 -1.20
CA GLY B 97 9.72 16.01 -0.57
C GLY B 97 11.12 16.29 -1.09
N ARG B 98 11.83 15.24 -1.49
CA ARG B 98 13.15 15.42 -2.10
C ARG B 98 13.03 16.04 -3.49
N TYR B 99 11.90 15.82 -4.18
CA TYR B 99 11.68 16.43 -5.48
C TYR B 99 11.32 17.92 -5.35
N TYR B 100 10.60 18.28 -4.29
CA TYR B 100 10.28 19.69 -4.06
C TYR B 100 11.49 20.47 -3.55
N GLU B 101 12.47 19.79 -2.97
CA GLU B 101 13.66 20.47 -2.45
C GLU B 101 14.66 20.75 -3.56
N LYS B 102 15.20 19.69 -4.17
CA LYS B 102 16.19 19.82 -5.22
C LYS B 102 15.59 20.18 -6.57
N GLY B 103 14.27 20.28 -6.68
CA GLY B 103 13.64 20.65 -7.93
C GLY B 103 13.75 19.60 -9.02
N ILE B 104 13.53 18.34 -8.68
CA ILE B 104 13.62 17.25 -9.65
C ILE B 104 12.22 17.01 -10.20
N GLY B 105 12.04 17.28 -11.49
CA GLY B 105 10.77 17.08 -12.16
C GLY B 105 9.76 18.20 -11.99
N VAL B 106 9.89 19.03 -10.94
CA VAL B 106 8.99 20.14 -10.69
C VAL B 106 9.83 21.35 -10.27
N ALA B 107 9.15 22.47 -10.08
CA ALA B 107 9.80 23.68 -9.59
C ALA B 107 10.16 23.53 -8.12
N LYS B 108 11.26 24.18 -7.73
CA LYS B 108 11.71 24.10 -6.34
C LYS B 108 10.68 24.76 -5.42
N ASP B 109 10.42 24.10 -4.29
CA ASP B 109 9.48 24.63 -3.29
C ASP B 109 9.80 23.96 -1.95
N ARG B 110 10.69 24.60 -1.19
CA ARG B 110 11.05 24.09 0.12
C ARG B 110 9.87 24.10 1.10
N VAL B 111 8.89 24.97 0.86
CA VAL B 111 7.73 25.05 1.76
C VAL B 111 6.94 23.75 1.72
N LEU B 112 6.67 23.25 0.51
CA LEU B 112 5.95 21.98 0.38
C LEU B 112 6.83 20.78 0.73
N ALA B 113 8.15 20.91 0.55
CA ALA B 113 9.05 19.81 0.88
C ALA B 113 9.05 19.50 2.37
N LYS B 114 8.79 20.52 3.21
CA LYS B 114 8.71 20.27 4.65
C LYS B 114 7.49 19.43 5.00
N GLU B 115 6.41 19.57 4.25
CA GLU B 115 5.20 18.80 4.55
C GLU B 115 5.38 17.32 4.22
N TRP B 116 5.88 17.01 3.02
CA TRP B 116 6.08 15.62 2.64
C TRP B 116 7.14 14.95 3.50
N TYR B 117 8.18 15.70 3.88
CA TYR B 117 9.16 15.16 4.82
C TYR B 117 8.53 14.89 6.18
N GLU B 118 7.58 15.74 6.59
CA GLU B 118 6.92 15.56 7.87
C GLU B 118 5.94 14.39 7.82
N LYS B 119 5.22 14.25 6.72
CA LYS B 119 4.27 13.14 6.59
C LYS B 119 4.99 11.80 6.55
N ALA B 120 6.13 11.74 5.86
CA ALA B 120 6.88 10.48 5.78
C ALA B 120 7.51 10.14 7.12
N ALA B 121 8.07 11.14 7.81
CA ALA B 121 8.67 10.90 9.12
C ALA B 121 7.62 10.54 10.17
N ALA B 122 6.38 11.00 9.98
CA ALA B 122 5.31 10.65 10.91
C ALA B 122 4.99 9.17 10.86
N GLN B 123 4.99 8.59 9.66
CA GLN B 123 4.75 7.16 9.50
C GLN B 123 5.97 6.32 9.87
N GLY B 124 7.11 6.94 10.15
CA GLY B 124 8.29 6.25 10.58
C GLY B 124 9.40 6.09 9.57
N ASN B 125 9.40 6.87 8.48
CA ASN B 125 10.47 6.79 7.50
C ASN B 125 11.77 7.28 8.11
N GLU B 126 12.77 6.40 8.16
CA GLU B 126 14.02 6.74 8.83
C GLU B 126 14.86 7.72 8.01
N LYS B 127 14.70 7.72 6.68
CA LYS B 127 15.39 8.72 5.86
C LYS B 127 14.76 10.10 6.01
N ALA B 128 13.45 10.16 6.23
CA ALA B 128 12.80 11.44 6.41
C ALA B 128 13.11 12.04 7.79
N LYS B 129 13.36 11.20 8.78
CA LYS B 129 13.71 11.71 10.10
C LYS B 129 15.12 12.31 10.12
N LYS B 130 16.05 11.68 9.40
CA LYS B 130 17.41 12.21 9.33
C LYS B 130 17.44 13.55 8.62
N ARG B 131 16.61 13.72 7.59
CA ARG B 131 16.57 14.99 6.87
C ARG B 131 15.91 16.09 7.69
N LEU B 132 14.92 15.74 8.52
CA LEU B 132 14.26 16.73 9.36
C LEU B 132 15.16 17.24 10.47
N GLN B 133 16.27 16.55 10.76
CA GLN B 133 17.22 17.01 11.77
C GLN B 133 18.18 18.03 11.16
N ASP B 134 17.65 19.03 10.48
CA ASP B 134 18.46 20.08 9.88
C ASP B 134 17.82 21.45 10.06
#